data_1MNX
#
_entry.id   1MNX
#
_entity_poly.entity_id   1
_entity_poly.type   'polyribonucleotide'
_entity_poly.pdbx_seq_one_letter_code
;GGGUGACGAUACUGUAGGCGAGAGCCUGCGGAAAAAUAGCCC
;
_entity_poly.pdbx_strand_id   A
#